data_9N80
#
_entry.id   9N80
#
_cell.length_a   88.486
_cell.length_b   88.486
_cell.length_c   88.486
_cell.angle_alpha   90.000
_cell.angle_beta   90.000
_cell.angle_gamma   90.000
#
_symmetry.space_group_name_H-M   'P 21 3'
#
loop_
_entity.id
_entity.type
_entity.pdbx_description
1 polymer '2-iminobutanoate/2-iminopropanoate deaminase'
2 water water
#
_entity_poly.entity_id   1
_entity_poly.type   'polypeptide(L)'
_entity_poly.pdbx_seq_one_letter_code
;HHHHHHSSGRENLYFQGSSLIRRVISTAKAPGAIGPYSQAVLVDRTIYISGQIGMDPSSGQLVSGGVAEEAKQALKNMGE
ILKAAGCDFTNVVKTTVLLADINDFNTVNEIYKQYFKSNFPARAAYQVAALPKGSRIEIEAVAIQGPLTTASL
;
_entity_poly.pdbx_strand_id   A,B
#
# COMPACT_ATOMS: atom_id res chain seq x y z
N GLN A 16 -25.25 21.01 -4.74
CA GLN A 16 -24.40 21.16 -3.56
C GLN A 16 -23.41 22.31 -3.74
N GLY A 17 -22.99 22.91 -2.64
CA GLY A 17 -22.03 23.98 -2.66
C GLY A 17 -20.60 23.56 -2.52
N SER A 18 -20.35 22.27 -2.29
CA SER A 18 -19.00 21.78 -2.13
C SER A 18 -18.91 20.36 -2.64
N SER A 19 -17.72 20.01 -3.13
CA SER A 19 -17.37 18.65 -3.49
C SER A 19 -16.51 18.14 -2.34
N LEU A 20 -17.03 17.16 -1.61
CA LEU A 20 -16.33 16.68 -0.42
C LEU A 20 -15.14 15.84 -0.86
N ILE A 21 -14.02 16.01 -0.17
CA ILE A 21 -12.79 15.32 -0.56
C ILE A 21 -12.79 13.94 0.09
N ARG A 22 -12.70 12.90 -0.72
CA ARG A 22 -12.64 11.51 -0.27
C ARG A 22 -11.24 10.99 -0.55
N ARG A 23 -10.62 10.40 0.48
CA ARG A 23 -9.25 9.90 0.35
C ARG A 23 -9.19 8.47 0.88
N VAL A 24 -8.57 7.58 0.13
CA VAL A 24 -8.24 6.26 0.65
C VAL A 24 -6.99 6.42 1.50
N ILE A 25 -7.08 6.05 2.78
CA ILE A 25 -5.93 6.07 3.66
C ILE A 25 -5.19 4.76 3.49
N SER A 26 -3.89 4.84 3.23
CA SER A 26 -3.12 3.64 3.02
C SER A 26 -1.71 3.83 3.57
N THR A 27 -1.27 2.86 4.38
CA THR A 27 0.08 2.88 4.92
C THR A 27 0.64 1.47 4.92
N ALA A 28 1.88 1.33 4.48
CA ALA A 28 2.55 0.04 4.51
C ALA A 28 2.91 -0.40 5.92
N LYS A 29 2.79 0.49 6.91
CA LYS A 29 3.05 0.14 8.30
C LYS A 29 1.90 -0.58 8.96
N ALA A 30 0.78 -0.75 8.28
CA ALA A 30 -0.31 -1.62 8.67
C ALA A 30 -0.48 -2.65 7.55
N PRO A 31 -1.04 -3.82 7.85
CA PRO A 31 -1.06 -4.89 6.84
C PRO A 31 -1.85 -4.48 5.61
N GLY A 32 -1.36 -4.92 4.44
CA GLY A 32 -2.13 -4.78 3.22
C GLY A 32 -3.48 -5.45 3.33
N ALA A 33 -4.43 -4.94 2.54
CA ALA A 33 -5.80 -5.44 2.59
C ALA A 33 -5.86 -6.91 2.20
N ILE A 34 -6.63 -7.69 2.96
CA ILE A 34 -6.81 -9.13 2.71
C ILE A 34 -8.05 -9.38 1.86
N GLY A 35 -8.64 -8.31 1.33
CA GLY A 35 -9.83 -8.40 0.52
C GLY A 35 -10.11 -7.06 -0.13
N PRO A 36 -11.27 -6.91 -0.77
CA PRO A 36 -11.60 -5.65 -1.48
C PRO A 36 -12.08 -4.54 -0.54
N TYR A 37 -11.15 -4.00 0.24
CA TYR A 37 -11.44 -2.91 1.15
C TYR A 37 -10.21 -2.02 1.26
N SER A 38 -10.43 -0.81 1.74
CA SER A 38 -9.37 0.13 2.06
C SER A 38 -9.13 0.08 3.57
N GLN A 39 -7.88 0.36 3.98
CA GLN A 39 -7.58 0.39 5.41
C GLN A 39 -8.48 1.36 6.13
N ALA A 40 -8.70 2.53 5.54
CA ALA A 40 -9.65 3.51 6.04
C ALA A 40 -10.01 4.42 4.89
N VAL A 41 -11.17 5.06 5.00
CA VAL A 41 -11.61 6.07 4.05
C VAL A 41 -11.89 7.34 4.82
N LEU A 42 -11.24 8.44 4.41
CA LEU A 42 -11.51 9.77 4.91
C LEU A 42 -12.44 10.46 3.93
N VAL A 43 -13.53 11.01 4.44
CA VAL A 43 -14.42 11.81 3.62
C VAL A 43 -14.83 13.05 4.39
N ASP A 44 -14.54 14.23 3.82
CA ASP A 44 -14.55 15.50 4.53
C ASP A 44 -13.61 15.42 5.73
N ARG A 45 -14.16 15.33 6.95
CA ARG A 45 -13.36 15.20 8.17
C ARG A 45 -13.53 13.86 8.85
N THR A 46 -14.36 12.97 8.33
CA THR A 46 -14.66 11.71 9.02
C THR A 46 -13.86 10.57 8.43
N ILE A 47 -13.22 9.80 9.29
CA ILE A 47 -12.40 8.66 8.89
C ILE A 47 -13.09 7.39 9.35
N TYR A 48 -13.49 6.55 8.41
CA TYR A 48 -14.03 5.24 8.71
C TYR A 48 -12.88 4.25 8.60
N ILE A 49 -12.53 3.61 9.70
CA ILE A 49 -11.40 2.70 9.78
C ILE A 49 -11.91 1.27 9.75
N SER A 50 -11.34 0.45 8.86
CA SER A 50 -11.74 -0.93 8.74
C SER A 50 -11.46 -1.69 10.03
N GLY A 51 -12.19 -2.78 10.22
CA GLY A 51 -11.90 -3.66 11.34
C GLY A 51 -10.47 -4.13 11.32
N GLN A 52 -9.73 -3.85 12.39
CA GLN A 52 -8.33 -4.23 12.50
C GLN A 52 -8.20 -5.51 13.29
N ILE A 53 -7.41 -6.44 12.78
CA ILE A 53 -7.07 -7.67 13.49
C ILE A 53 -5.58 -7.67 13.77
N GLY A 54 -5.13 -8.63 14.57
CA GLY A 54 -3.76 -8.64 15.04
C GLY A 54 -2.75 -9.18 14.05
N MET A 55 -2.81 -8.73 12.80
CA MET A 55 -1.92 -9.19 11.75
C MET A 55 -0.64 -8.37 11.76
N ASP A 56 0.49 -9.05 11.67
CA ASP A 56 1.75 -8.35 11.49
C ASP A 56 1.78 -7.73 10.10
N PRO A 57 2.18 -6.46 9.97
CA PRO A 57 2.20 -5.83 8.64
C PRO A 57 3.18 -6.46 7.67
N SER A 58 4.24 -7.12 8.15
CA SER A 58 5.23 -7.73 7.27
C SER A 58 4.82 -9.12 6.83
N SER A 59 4.52 -10.00 7.79
CA SER A 59 4.28 -11.41 7.49
C SER A 59 2.87 -11.68 6.98
N GLY A 60 1.94 -10.76 7.20
CA GLY A 60 0.56 -11.02 6.82
C GLY A 60 -0.15 -12.04 7.67
N GLN A 61 0.47 -12.54 8.73
CA GLN A 61 -0.13 -13.54 9.59
C GLN A 61 -0.39 -12.96 10.97
N LEU A 62 -1.34 -13.57 11.68
CA LEU A 62 -1.63 -13.13 13.04
C LEU A 62 -0.39 -13.33 13.91
N VAL A 63 -0.14 -12.36 14.79
CA VAL A 63 0.92 -12.55 15.77
C VAL A 63 0.55 -13.71 16.69
N SER A 64 1.57 -14.34 17.26
CA SER A 64 1.35 -15.44 18.17
C SER A 64 1.00 -14.92 19.56
N GLY A 65 0.38 -15.79 20.36
CA GLY A 65 0.17 -15.52 21.77
C GLY A 65 -1.26 -15.29 22.19
N GLY A 66 -2.22 -15.28 21.28
CA GLY A 66 -3.61 -15.17 21.67
C GLY A 66 -4.09 -13.74 21.74
N VAL A 67 -5.20 -13.57 22.48
CA VAL A 67 -5.97 -12.32 22.40
C VAL A 67 -5.16 -11.11 22.86
N ALA A 68 -4.32 -11.26 23.88
CA ALA A 68 -3.61 -10.08 24.39
C ALA A 68 -2.64 -9.52 23.34
N GLU A 69 -1.86 -10.40 22.72
CA GLU A 69 -0.92 -9.97 21.69
C GLU A 69 -1.65 -9.51 20.44
N GLU A 70 -2.74 -10.19 20.08
CA GLU A 70 -3.52 -9.77 18.93
C GLU A 70 -4.13 -8.40 19.14
N ALA A 71 -4.60 -8.12 20.35
CA ALA A 71 -5.21 -6.83 20.62
C ALA A 71 -4.20 -5.71 20.50
N LYS A 72 -3.00 -5.91 21.09
CA LYS A 72 -1.92 -4.95 20.95
C LYS A 72 -1.60 -4.69 19.50
N GLN A 73 -1.46 -5.75 18.70
CA GLN A 73 -1.12 -5.58 17.29
C GLN A 73 -2.25 -4.87 16.53
N ALA A 74 -3.50 -5.24 16.81
CA ALA A 74 -4.62 -4.59 16.14
C ALA A 74 -4.63 -3.09 16.42
N LEU A 75 -4.37 -2.72 17.67
CA LEU A 75 -4.34 -1.31 18.03
C LEU A 75 -3.13 -0.61 17.42
N LYS A 76 -1.98 -1.29 17.38
CA LYS A 76 -0.84 -0.70 16.69
C LYS A 76 -1.16 -0.45 15.22
N ASN A 77 -1.81 -1.42 14.56
CA ASN A 77 -2.22 -1.25 13.17
C ASN A 77 -3.15 -0.05 13.04
N MET A 78 -4.14 0.05 13.93
CA MET A 78 -5.03 1.20 13.91
C MET A 78 -4.25 2.50 14.10
N GLY A 79 -3.26 2.49 15.00
CA GLY A 79 -2.47 3.70 15.22
C GLY A 79 -1.73 4.14 13.98
N GLU A 80 -1.20 3.18 13.21
CA GLU A 80 -0.50 3.55 11.99
C GLU A 80 -1.44 4.10 10.94
N ILE A 81 -2.67 3.58 10.88
CA ILE A 81 -3.65 4.12 9.94
C ILE A 81 -4.06 5.52 10.34
N LEU A 82 -4.30 5.74 11.64
CA LEU A 82 -4.60 7.09 12.12
C LEU A 82 -3.47 8.05 11.77
N LYS A 83 -2.22 7.64 12.01
CA LYS A 83 -1.09 8.50 11.74
C LYS A 83 -1.02 8.87 10.26
N ALA A 84 -1.32 7.93 9.37
CA ALA A 84 -1.32 8.20 7.94
C ALA A 84 -2.38 9.21 7.57
N ALA A 85 -3.43 9.37 8.38
CA ALA A 85 -4.45 10.37 8.16
C ALA A 85 -4.20 11.63 8.97
N GLY A 86 -3.00 11.79 9.52
CA GLY A 86 -2.69 12.97 10.32
C GLY A 86 -3.38 12.99 11.66
N CYS A 87 -3.69 11.83 12.23
CA CYS A 87 -4.46 11.73 13.46
C CYS A 87 -3.71 10.85 14.45
N ASP A 88 -4.20 10.82 15.68
CA ASP A 88 -3.77 9.83 16.65
C ASP A 88 -5.03 9.28 17.34
N PHE A 89 -4.85 8.56 18.45
CA PHE A 89 -6.00 7.94 19.09
C PHE A 89 -6.96 8.95 19.69
N THR A 90 -6.49 10.17 20.00
CA THR A 90 -7.39 11.21 20.50
C THR A 90 -8.41 11.66 19.47
N ASN A 91 -8.23 11.33 18.19
CA ASN A 91 -9.23 11.66 17.19
C ASN A 91 -10.34 10.63 17.07
N VAL A 92 -10.20 9.48 17.72
CA VAL A 92 -11.20 8.43 17.62
C VAL A 92 -12.40 8.80 18.46
N VAL A 93 -13.59 8.69 17.87
CA VAL A 93 -14.83 9.01 18.57
C VAL A 93 -15.72 7.80 18.82
N LYS A 94 -15.53 6.68 18.11
CA LYS A 94 -16.34 5.50 18.29
C LYS A 94 -15.51 4.29 17.92
N THR A 95 -15.60 3.22 18.72
CA THR A 95 -15.02 1.94 18.35
C THR A 95 -16.05 0.85 18.49
N THR A 96 -15.78 -0.27 17.80
CA THR A 96 -16.52 -1.51 18.00
C THR A 96 -15.50 -2.59 18.27
N VAL A 97 -15.61 -3.25 19.40
CA VAL A 97 -14.70 -4.30 19.83
C VAL A 97 -15.43 -5.63 19.65
N LEU A 98 -14.95 -6.43 18.69
CA LEU A 98 -15.52 -7.71 18.34
C LEU A 98 -14.62 -8.80 18.91
N LEU A 99 -15.18 -9.63 19.78
CA LEU A 99 -14.39 -10.62 20.50
C LEU A 99 -14.78 -12.03 20.08
N ALA A 100 -13.79 -12.91 20.01
CA ALA A 100 -14.11 -14.34 19.91
C ALA A 100 -14.60 -14.91 21.22
N ASP A 101 -14.26 -14.28 22.34
CA ASP A 101 -14.64 -14.77 23.67
C ASP A 101 -14.91 -13.57 24.56
N ILE A 102 -16.16 -13.42 24.99
CA ILE A 102 -16.54 -12.30 25.87
C ILE A 102 -15.73 -12.30 27.16
N ASN A 103 -15.24 -13.47 27.58
CA ASN A 103 -14.45 -13.55 28.81
C ASN A 103 -13.09 -12.88 28.68
N ASP A 104 -12.68 -12.49 27.48
CA ASP A 104 -11.46 -11.74 27.24
C ASP A 104 -11.62 -10.24 27.46
N PHE A 105 -12.83 -9.79 27.79
CA PHE A 105 -13.12 -8.36 27.86
C PHE A 105 -12.17 -7.64 28.81
N ASN A 106 -11.97 -8.18 30.02
CA ASN A 106 -11.11 -7.49 30.98
C ASN A 106 -9.67 -7.39 30.46
N THR A 107 -9.13 -8.47 29.92
CA THR A 107 -7.80 -8.44 29.34
C THR A 107 -7.71 -7.39 28.24
N VAL A 108 -8.68 -7.40 27.32
CA VAL A 108 -8.67 -6.46 26.21
C VAL A 108 -8.76 -5.02 26.72
N ASN A 109 -9.60 -4.78 27.73
CA ASN A 109 -9.76 -3.41 28.24
C ASN A 109 -8.45 -2.86 28.78
N GLU A 110 -7.64 -3.69 29.44
CA GLU A 110 -6.35 -3.20 29.94
C GLU A 110 -5.46 -2.75 28.80
N ILE A 111 -5.44 -3.51 27.71
CA ILE A 111 -4.63 -3.13 26.55
C ILE A 111 -5.23 -1.89 25.89
N TYR A 112 -6.55 -1.89 25.72
CA TYR A 112 -7.27 -0.76 25.14
C TYR A 112 -6.89 0.55 25.85
N LYS A 113 -6.75 0.52 27.19
CA LYS A 113 -6.40 1.71 27.96
C LYS A 113 -4.99 2.21 27.69
N GLN A 114 -4.10 1.36 27.18
CA GLN A 114 -2.76 1.82 26.84
C GLN A 114 -2.75 2.70 25.60
N TYR A 115 -3.83 2.68 24.81
CA TYR A 115 -3.94 3.45 23.58
C TYR A 115 -4.96 4.57 23.68
N PHE A 116 -6.07 4.33 24.38
CA PHE A 116 -7.12 5.34 24.58
C PHE A 116 -6.94 5.89 26.00
N LYS A 117 -6.17 6.97 26.11
CA LYS A 117 -5.76 7.54 27.39
C LYS A 117 -6.61 8.71 27.84
N SER A 118 -7.45 9.25 26.95
CA SER A 118 -8.25 10.43 27.23
C SER A 118 -9.38 10.43 26.21
N ASN A 119 -10.35 11.34 26.41
CA ASN A 119 -11.44 11.54 25.45
C ASN A 119 -12.01 10.20 24.98
N PHE A 120 -12.42 9.36 25.91
CA PHE A 120 -12.67 7.96 25.56
C PHE A 120 -13.76 7.87 24.48
N PRO A 121 -13.57 7.05 23.45
CA PRO A 121 -14.62 6.92 22.42
C PRO A 121 -15.88 6.28 22.97
N ALA A 122 -16.99 6.56 22.31
CA ALA A 122 -18.15 5.69 22.46
C ALA A 122 -17.75 4.30 21.98
N ARG A 123 -18.45 3.28 22.48
CA ARG A 123 -18.02 1.93 22.17
C ARG A 123 -19.19 0.95 22.18
N ALA A 124 -19.11 -0.03 21.30
CA ALA A 124 -19.92 -1.23 21.38
C ALA A 124 -18.98 -2.41 21.45
N ALA A 125 -19.37 -3.42 22.21
CA ALA A 125 -18.53 -4.59 22.36
C ALA A 125 -19.43 -5.80 22.47
N TYR A 126 -19.02 -6.89 21.83
CA TYR A 126 -19.78 -8.11 21.92
C TYR A 126 -18.93 -9.26 21.38
N GLN A 127 -19.36 -10.47 21.71
CA GLN A 127 -18.74 -11.67 21.19
C GLN A 127 -19.45 -12.09 19.91
N VAL A 128 -18.67 -12.33 18.87
CA VAL A 128 -19.19 -12.82 17.59
C VAL A 128 -18.92 -14.31 17.48
N ALA A 129 -19.45 -14.94 16.44
CA ALA A 129 -19.25 -16.37 16.25
C ALA A 129 -17.85 -16.69 15.73
N ALA A 130 -17.30 -15.84 14.86
CA ALA A 130 -15.98 -16.08 14.31
C ALA A 130 -15.49 -14.82 13.61
N LEU A 131 -14.18 -14.66 13.56
CA LEU A 131 -13.55 -13.51 12.94
C LEU A 131 -12.64 -13.95 11.80
N PRO A 132 -12.28 -13.04 10.89
CA PRO A 132 -11.36 -13.39 9.81
C PRO A 132 -10.08 -14.00 10.36
N LYS A 133 -9.59 -15.05 9.68
CA LYS A 133 -8.31 -15.68 9.99
C LYS A 133 -8.28 -16.35 11.35
N GLY A 134 -9.43 -16.62 11.95
CA GLY A 134 -9.45 -17.16 13.29
C GLY A 134 -8.98 -16.20 14.36
N SER A 135 -9.04 -14.91 14.08
CA SER A 135 -8.64 -13.89 15.04
C SER A 135 -9.47 -13.99 16.32
N ARG A 136 -8.86 -13.52 17.41
CA ARG A 136 -9.56 -13.46 18.68
C ARG A 136 -10.18 -12.10 18.94
N ILE A 137 -9.84 -11.09 18.14
CA ILE A 137 -10.34 -9.73 18.34
C ILE A 137 -10.25 -8.99 17.02
N GLU A 138 -11.26 -8.15 16.75
CA GLU A 138 -11.26 -7.22 15.63
C GLU A 138 -11.80 -5.91 16.16
N ILE A 139 -11.17 -4.80 15.79
CA ILE A 139 -11.58 -3.49 16.30
C ILE A 139 -11.77 -2.56 15.11
N GLU A 140 -12.97 -2.03 14.95
CA GLU A 140 -13.21 -0.97 13.97
C GLU A 140 -13.36 0.36 14.70
N ALA A 141 -13.30 1.45 13.94
CA ALA A 141 -13.35 2.76 14.58
C ALA A 141 -13.81 3.82 13.61
N VAL A 142 -14.34 4.91 14.17
CA VAL A 142 -14.58 6.15 13.46
C VAL A 142 -13.74 7.22 14.15
N ALA A 143 -13.01 8.01 13.36
CA ALA A 143 -12.21 9.10 13.86
C ALA A 143 -12.56 10.37 13.10
N ILE A 144 -12.27 11.52 13.71
CA ILE A 144 -12.56 12.80 13.10
C ILE A 144 -11.25 13.58 13.02
N GLN A 145 -10.92 14.04 11.82
CA GLN A 145 -9.69 14.81 11.64
C GLN A 145 -9.76 16.15 12.36
N GLY A 146 -8.65 16.50 13.04
CA GLY A 146 -8.57 17.73 13.76
C GLY A 146 -8.40 18.93 12.83
N PRO A 147 -8.36 20.14 13.42
CA PRO A 147 -8.39 20.38 14.86
C PRO A 147 -9.75 20.11 15.50
N LEU A 148 -9.69 19.57 16.72
CA LEU A 148 -10.85 19.39 17.57
C LEU A 148 -10.69 20.27 18.80
N THR A 149 -11.81 20.80 19.29
CA THR A 149 -11.86 21.52 20.55
C THR A 149 -12.73 20.70 21.49
N THR A 150 -12.14 20.21 22.56
CA THR A 150 -12.88 19.39 23.52
C THR A 150 -13.42 20.31 24.61
N ALA A 151 -14.74 20.44 24.65
CA ALA A 151 -15.38 21.25 25.68
C ALA A 151 -15.82 20.36 26.84
N SER A 152 -16.96 20.67 27.44
CA SER A 152 -17.46 19.85 28.55
C SER A 152 -18.91 19.45 28.31
N GLN B 16 24.08 21.61 -33.21
CA GLN B 16 23.86 20.17 -33.33
C GLN B 16 23.39 19.81 -34.74
N GLY B 17 23.72 18.61 -35.17
CA GLY B 17 23.29 18.12 -36.46
C GLY B 17 22.01 17.30 -36.45
N SER B 18 21.41 17.08 -35.28
CA SER B 18 20.18 16.30 -35.24
C SER B 18 19.28 16.86 -34.14
N SER B 19 17.98 16.77 -34.40
CA SER B 19 16.95 17.07 -33.41
C SER B 19 16.49 15.73 -32.88
N LEU B 20 16.80 15.46 -31.61
CA LEU B 20 16.42 14.17 -31.04
C LEU B 20 14.92 14.13 -30.82
N ILE B 21 14.32 12.98 -31.10
CA ILE B 21 12.88 12.85 -31.03
C ILE B 21 12.47 12.40 -29.63
N ARG B 22 11.59 13.17 -29.00
CA ARG B 22 11.08 12.91 -27.67
C ARG B 22 9.63 12.48 -27.80
N ARG B 23 9.31 11.27 -27.33
CA ARG B 23 7.97 10.73 -27.43
C ARG B 23 7.46 10.41 -26.02
N VAL B 24 6.36 11.04 -25.64
CA VAL B 24 5.66 10.68 -24.41
C VAL B 24 4.93 9.36 -24.64
N ILE B 25 5.17 8.40 -23.76
CA ILE B 25 4.51 7.11 -23.84
C ILE B 25 3.25 7.14 -22.99
N SER B 26 2.12 6.72 -23.58
CA SER B 26 0.84 6.70 -22.88
C SER B 26 0.09 5.45 -23.29
N THR B 27 -0.40 4.70 -22.31
CA THR B 27 -1.26 3.55 -22.57
C THR B 27 -2.33 3.46 -21.49
N ALA B 28 -3.57 3.19 -21.92
CA ALA B 28 -4.64 2.95 -20.97
C ALA B 28 -4.54 1.60 -20.29
N LYS B 29 -3.61 0.74 -20.70
CA LYS B 29 -3.42 -0.55 -20.06
C LYS B 29 -2.58 -0.47 -18.79
N ALA B 30 -2.00 0.68 -18.50
CA ALA B 30 -1.34 0.95 -17.23
C ALA B 30 -2.03 2.14 -16.59
N PRO B 31 -1.92 2.31 -15.27
CA PRO B 31 -2.59 3.45 -14.61
C PRO B 31 -2.17 4.76 -15.26
N GLY B 32 -3.17 5.56 -15.62
CA GLY B 32 -2.90 6.80 -16.33
C GLY B 32 -2.14 7.79 -15.46
N ALA B 33 -1.35 8.63 -16.12
CA ALA B 33 -0.57 9.64 -15.40
C ALA B 33 -1.49 10.80 -15.02
N ILE B 34 -1.73 10.96 -13.72
CA ILE B 34 -2.58 12.02 -13.20
C ILE B 34 -1.67 13.19 -12.80
N GLY B 35 -1.67 14.25 -13.60
CA GLY B 35 -0.89 15.43 -13.28
C GLY B 35 0.32 15.61 -14.19
N PRO B 36 1.33 16.34 -13.70
CA PRO B 36 2.46 16.78 -14.54
C PRO B 36 3.57 15.73 -14.65
N TYR B 37 3.20 14.52 -15.05
CA TYR B 37 4.19 13.49 -15.34
C TYR B 37 3.65 12.61 -16.45
N SER B 38 4.53 11.78 -17.00
CA SER B 38 4.20 10.83 -18.05
C SER B 38 4.57 9.42 -17.57
N GLN B 39 3.84 8.42 -18.06
CA GLN B 39 4.18 7.04 -17.75
C GLN B 39 5.62 6.71 -18.13
N ALA B 40 6.07 7.17 -19.29
CA ALA B 40 7.47 7.04 -19.67
C ALA B 40 7.74 8.10 -20.73
N VAL B 41 9.02 8.42 -20.91
CA VAL B 41 9.46 9.31 -21.98
C VAL B 41 10.57 8.61 -22.75
N LEU B 42 10.37 8.47 -24.05
CA LEU B 42 11.38 7.95 -24.95
C LEU B 42 12.05 9.14 -25.61
N VAL B 43 13.37 9.22 -25.49
CA VAL B 43 14.11 10.30 -26.14
C VAL B 43 15.31 9.69 -26.84
N ASP B 44 15.43 9.94 -28.15
CA ASP B 44 16.28 9.17 -29.04
C ASP B 44 15.96 7.68 -28.92
N ARG B 45 16.82 6.92 -28.23
CA ARG B 45 16.61 5.48 -28.04
C ARG B 45 16.38 5.11 -26.58
N THR B 46 16.46 6.05 -25.65
CA THR B 46 16.40 5.74 -24.22
C THR B 46 15.01 6.04 -23.69
N ILE B 47 14.45 5.08 -22.97
CA ILE B 47 13.12 5.19 -22.37
C ILE B 47 13.28 5.30 -20.85
N TYR B 48 12.88 6.43 -20.30
CA TYR B 48 12.83 6.62 -18.86
C TYR B 48 11.42 6.29 -18.41
N ILE B 49 11.27 5.23 -17.62
CA ILE B 49 9.98 4.75 -17.17
C ILE B 49 9.75 5.23 -15.75
N SER B 50 8.61 5.86 -15.51
CA SER B 50 8.23 6.30 -14.18
C SER B 50 8.14 5.12 -13.22
N GLY B 51 8.31 5.43 -11.93
CA GLY B 51 8.12 4.44 -10.88
C GLY B 51 6.73 3.83 -10.94
N GLN B 52 6.67 2.52 -11.11
CA GLN B 52 5.41 1.79 -11.17
C GLN B 52 5.10 1.18 -9.82
N ILE B 53 3.82 1.28 -9.42
CA ILE B 53 3.34 0.65 -8.20
C ILE B 53 2.29 -0.39 -8.57
N GLY B 54 1.85 -1.15 -7.57
CA GLY B 54 0.91 -2.23 -7.81
C GLY B 54 -0.53 -1.79 -7.93
N MET B 55 -0.77 -0.72 -8.67
CA MET B 55 -2.10 -0.19 -8.87
C MET B 55 -2.78 -0.90 -10.04
N ASP B 56 -4.02 -1.34 -9.83
CA ASP B 56 -4.75 -1.93 -10.94
C ASP B 56 -5.37 -0.83 -11.77
N PRO B 57 -5.14 -0.80 -13.09
CA PRO B 57 -5.68 0.30 -13.90
C PRO B 57 -7.19 0.27 -14.03
N SER B 58 -7.85 -0.84 -13.73
CA SER B 58 -9.30 -0.90 -13.83
C SER B 58 -10.01 -0.38 -12.59
N SER B 59 -9.42 -0.62 -11.41
CA SER B 59 -10.00 -0.17 -10.15
C SER B 59 -9.41 1.14 -9.67
N GLY B 60 -8.27 1.57 -10.21
CA GLY B 60 -7.61 2.74 -9.70
C GLY B 60 -7.07 2.61 -8.30
N GLN B 61 -6.90 1.38 -7.80
CA GLN B 61 -6.49 1.15 -6.44
C GLN B 61 -5.38 0.09 -6.41
N LEU B 62 -4.54 0.16 -5.37
CA LEU B 62 -3.58 -0.90 -5.12
C LEU B 62 -4.26 -2.25 -5.04
N VAL B 63 -3.65 -3.26 -5.66
CA VAL B 63 -4.17 -4.61 -5.52
C VAL B 63 -4.02 -5.07 -4.08
N SER B 64 -4.87 -6.00 -3.66
CA SER B 64 -4.73 -6.61 -2.35
C SER B 64 -3.79 -7.81 -2.42
N GLY B 65 -3.34 -8.26 -1.25
CA GLY B 65 -2.47 -9.42 -1.16
C GLY B 65 -1.06 -9.14 -0.72
N GLY B 66 -0.70 -7.88 -0.49
CA GLY B 66 0.62 -7.55 0.00
C GLY B 66 1.65 -7.36 -1.10
N VAL B 67 2.92 -7.39 -0.68
CA VAL B 67 4.03 -6.99 -1.55
C VAL B 67 4.16 -7.90 -2.77
N ALA B 68 3.87 -9.19 -2.63
CA ALA B 68 4.05 -10.09 -3.77
C ALA B 68 3.08 -9.75 -4.89
N GLU B 69 1.80 -9.54 -4.56
CA GLU B 69 0.83 -9.17 -5.57
C GLU B 69 1.09 -7.77 -6.12
N GLU B 70 1.47 -6.83 -5.23
CA GLU B 70 1.82 -5.49 -5.70
C GLU B 70 2.98 -5.54 -6.68
N ALA B 71 4.01 -6.34 -6.37
CA ALA B 71 5.16 -6.44 -7.27
C ALA B 71 4.75 -6.99 -8.63
N LYS B 72 3.90 -8.00 -8.65
CA LYS B 72 3.43 -8.55 -9.91
C LYS B 72 2.67 -7.50 -10.70
N GLN B 73 1.81 -6.73 -10.03
CA GLN B 73 1.04 -5.69 -10.72
C GLN B 73 1.93 -4.55 -11.20
N ALA B 74 2.92 -4.15 -10.40
CA ALA B 74 3.84 -3.11 -10.84
C ALA B 74 4.59 -3.53 -12.09
N LEU B 75 5.02 -4.79 -12.15
CA LEU B 75 5.75 -5.29 -13.31
C LEU B 75 4.82 -5.42 -14.52
N LYS B 76 3.59 -5.86 -14.30
CA LYS B 76 2.62 -5.88 -15.39
C LYS B 76 2.39 -4.48 -15.95
N ASN B 77 2.25 -3.50 -15.07
CA ASN B 77 2.11 -2.12 -15.52
C ASN B 77 3.33 -1.69 -16.34
N MET B 78 4.53 -2.01 -15.84
CA MET B 78 5.73 -1.68 -16.59
C MET B 78 5.74 -2.37 -17.95
N GLY B 79 5.28 -3.63 -17.99
CA GLY B 79 5.24 -4.35 -19.27
C GLY B 79 4.33 -3.69 -20.29
N GLU B 80 3.19 -3.14 -19.84
CA GLU B 80 2.31 -2.44 -20.77
C GLU B 80 2.91 -1.12 -21.26
N ILE B 81 3.66 -0.42 -20.40
CA ILE B 81 4.35 0.78 -20.85
C ILE B 81 5.43 0.44 -21.88
N LEU B 82 6.19 -0.61 -21.61
CA LEU B 82 7.19 -1.07 -22.56
C LEU B 82 6.54 -1.44 -23.90
N LYS B 83 5.44 -2.19 -23.85
CA LYS B 83 4.75 -2.59 -25.07
C LYS B 83 4.31 -1.37 -25.87
N ALA B 84 3.81 -0.34 -25.18
CA ALA B 84 3.38 0.88 -25.85
C ALA B 84 4.55 1.57 -26.55
N ALA B 85 5.78 1.36 -26.08
CA ALA B 85 6.96 1.91 -26.71
C ALA B 85 7.63 0.94 -27.68
N GLY B 86 6.96 -0.15 -28.05
CA GLY B 86 7.52 -1.12 -28.96
C GLY B 86 8.60 -2.00 -28.36
N CYS B 87 8.54 -2.23 -27.05
CA CYS B 87 9.58 -2.95 -26.33
C CYS B 87 8.95 -4.03 -25.48
N ASP B 88 9.79 -4.86 -24.89
CA ASP B 88 9.39 -5.81 -23.86
C ASP B 88 10.42 -5.74 -22.74
N PHE B 89 10.39 -6.71 -21.83
CA PHE B 89 11.29 -6.67 -20.69
C PHE B 89 12.75 -6.87 -21.07
N THR B 90 13.02 -7.48 -22.23
CA THR B 90 14.41 -7.63 -22.67
C THR B 90 15.07 -6.28 -22.96
N ASN B 91 14.29 -5.21 -23.15
CA ASN B 91 14.86 -3.91 -23.46
C ASN B 91 15.31 -3.17 -22.21
N VAL B 92 14.96 -3.67 -21.02
CA VAL B 92 15.29 -2.97 -19.79
C VAL B 92 16.77 -3.16 -19.49
N VAL B 93 17.47 -2.07 -19.20
CA VAL B 93 18.88 -2.11 -18.84
C VAL B 93 19.17 -1.74 -17.40
N LYS B 94 18.23 -1.14 -16.68
CA LYS B 94 18.42 -0.80 -15.28
C LYS B 94 17.06 -0.70 -14.62
N THR B 95 16.94 -1.21 -13.40
CA THR B 95 15.76 -0.95 -12.57
C THR B 95 16.20 -0.47 -11.20
N THR B 96 15.31 0.24 -10.53
CA THR B 96 15.45 0.54 -9.11
C THR B 96 14.26 -0.04 -8.38
N VAL B 97 14.53 -0.84 -7.36
CA VAL B 97 13.49 -1.52 -6.59
C VAL B 97 13.39 -0.80 -5.26
N LEU B 98 12.27 -0.12 -5.03
CA LEU B 98 12.06 0.67 -3.82
C LEU B 98 11.06 -0.09 -2.96
N LEU B 99 11.48 -0.49 -1.77
CA LEU B 99 10.68 -1.34 -0.90
C LEU B 99 10.24 -0.61 0.36
N ALA B 100 9.04 -0.97 0.84
CA ALA B 100 8.64 -0.56 2.18
C ALA B 100 9.34 -1.35 3.27
N ASP B 101 9.82 -2.55 2.94
CA ASP B 101 10.48 -3.44 3.90
C ASP B 101 11.59 -4.18 3.17
N ILE B 102 12.84 -3.96 3.59
CA ILE B 102 13.99 -4.64 2.98
C ILE B 102 13.84 -6.15 3.08
N ASN B 103 13.10 -6.64 4.08
CA ASN B 103 12.97 -8.08 4.24
C ASN B 103 12.08 -8.71 3.17
N ASP B 104 11.40 -7.89 2.36
CA ASP B 104 10.66 -8.37 1.21
C ASP B 104 11.53 -8.57 -0.03
N PHE B 105 12.83 -8.29 0.07
CA PHE B 105 13.70 -8.33 -1.11
C PHE B 105 13.68 -9.70 -1.79
N ASN B 106 13.82 -10.78 -1.01
CA ASN B 106 13.85 -12.11 -1.61
C ASN B 106 12.52 -12.44 -2.29
N THR B 107 11.40 -12.08 -1.66
CA THR B 107 10.10 -12.31 -2.28
C THR B 107 9.99 -11.58 -3.62
N VAL B 108 10.40 -10.31 -3.65
CA VAL B 108 10.36 -9.54 -4.88
C VAL B 108 11.34 -10.10 -5.91
N ASN B 109 12.52 -10.54 -5.46
CA ASN B 109 13.50 -11.08 -6.39
C ASN B 109 12.97 -12.31 -7.11
N GLU B 110 12.20 -13.15 -6.41
CA GLU B 110 11.67 -14.35 -7.06
C GLU B 110 10.64 -13.99 -8.13
N ILE B 111 9.78 -13.01 -7.85
CA ILE B 111 8.83 -12.54 -8.86
C ILE B 111 9.56 -11.93 -10.04
N TYR B 112 10.63 -11.18 -9.76
CA TYR B 112 11.45 -10.58 -10.79
CA TYR B 112 11.45 -10.58 -10.80
C TYR B 112 11.87 -11.60 -11.85
N LYS B 113 12.21 -12.81 -11.42
CA LYS B 113 12.66 -13.86 -12.32
C LYS B 113 11.59 -14.27 -13.32
N GLN B 114 10.32 -14.01 -13.02
CA GLN B 114 9.26 -14.34 -13.97
C GLN B 114 9.21 -13.37 -15.14
N TYR B 115 9.82 -12.19 -15.00
CA TYR B 115 9.75 -11.15 -16.02
C TYR B 115 11.08 -10.92 -16.72
N PHE B 116 12.19 -11.09 -16.02
CA PHE B 116 13.52 -10.95 -16.59
C PHE B 116 14.17 -12.32 -16.65
N LYS B 117 14.47 -12.79 -17.86
CA LYS B 117 14.87 -14.18 -18.07
C LYS B 117 16.37 -14.35 -18.31
N SER B 118 17.04 -13.35 -18.87
CA SER B 118 18.47 -13.43 -19.16
C SER B 118 18.93 -12.01 -19.49
N ASN B 119 20.25 -11.85 -19.64
CA ASN B 119 20.84 -10.54 -19.97
C ASN B 119 20.28 -9.47 -19.03
N PHE B 120 20.45 -9.71 -17.74
CA PHE B 120 19.65 -9.06 -16.73
C PHE B 120 20.03 -7.58 -16.57
N PRO B 121 19.06 -6.73 -16.23
CA PRO B 121 19.39 -5.32 -16.02
C PRO B 121 20.26 -5.10 -14.79
N ALA B 122 20.99 -4.00 -14.80
CA ALA B 122 21.58 -3.50 -13.58
C ALA B 122 20.46 -3.16 -12.60
N ARG B 123 20.80 -3.12 -11.31
CA ARG B 123 19.76 -2.95 -10.31
C ARG B 123 20.29 -2.17 -9.13
N ALA B 124 19.41 -1.36 -8.55
CA ALA B 124 19.61 -0.80 -7.23
C ALA B 124 18.36 -1.10 -6.43
N ALA B 125 18.55 -1.40 -5.15
CA ALA B 125 17.42 -1.77 -4.30
C ALA B 125 17.64 -1.19 -2.91
N TYR B 126 16.57 -0.75 -2.29
CA TYR B 126 16.67 -0.25 -0.92
C TYR B 126 15.28 -0.05 -0.37
N GLN B 127 15.21 0.02 0.96
CA GLN B 127 13.98 0.33 1.66
C GLN B 127 13.88 1.83 1.86
N VAL B 128 12.74 2.39 1.47
CA VAL B 128 12.46 3.80 1.65
C VAL B 128 11.54 3.97 2.86
N ALA B 129 11.30 5.22 3.24
CA ALA B 129 10.44 5.48 4.39
C ALA B 129 8.97 5.29 4.04
N ALA B 130 8.56 5.66 2.83
CA ALA B 130 7.17 5.48 2.40
C ALA B 130 7.10 5.69 0.90
N LEU B 131 6.12 5.04 0.29
CA LEU B 131 5.85 5.11 -1.13
C LEU B 131 4.48 5.72 -1.38
N PRO B 132 4.22 6.24 -2.58
CA PRO B 132 2.89 6.74 -2.91
C PRO B 132 1.83 5.66 -2.70
N LYS B 133 0.64 6.10 -2.28
CA LYS B 133 -0.53 5.25 -2.09
C LYS B 133 -0.33 4.19 -1.01
N GLY B 134 0.63 4.40 -0.11
CA GLY B 134 0.95 3.36 0.88
C GLY B 134 1.46 2.08 0.27
N SER B 135 2.06 2.15 -0.92
CA SER B 135 2.52 0.96 -1.61
C SER B 135 3.68 0.32 -0.86
N ARG B 136 3.88 -0.98 -1.13
CA ARG B 136 4.97 -1.74 -0.53
C ARG B 136 6.14 -1.93 -1.49
N ILE B 137 5.99 -1.54 -2.75
CA ILE B 137 7.05 -1.64 -3.76
C ILE B 137 6.75 -0.63 -4.87
N GLU B 138 7.81 0.05 -5.32
CA GLU B 138 7.80 0.88 -6.52
C GLU B 138 9.01 0.48 -7.34
N ILE B 139 8.83 0.34 -8.65
CA ILE B 139 9.92 -0.04 -9.55
C ILE B 139 10.04 0.99 -10.66
N GLU B 140 11.21 1.64 -10.76
CA GLU B 140 11.49 2.48 -11.91
C GLU B 140 12.48 1.77 -12.80
N ALA B 141 12.57 2.23 -14.05
CA ALA B 141 13.43 1.51 -14.98
C ALA B 141 13.91 2.42 -16.10
N VAL B 142 14.99 2.00 -16.73
CA VAL B 142 15.50 2.56 -17.97
C VAL B 142 15.53 1.43 -18.98
N ALA B 143 15.00 1.68 -20.18
CA ALA B 143 15.00 0.69 -21.24
C ALA B 143 15.56 1.35 -22.49
N ILE B 144 16.05 0.54 -23.42
CA ILE B 144 16.61 1.04 -24.67
C ILE B 144 15.81 0.43 -25.81
N GLN B 145 15.28 1.28 -26.69
CA GLN B 145 14.50 0.82 -27.82
C GLN B 145 15.39 0.06 -28.79
N GLY B 146 14.92 -1.09 -29.26
CA GLY B 146 15.70 -1.93 -30.15
C GLY B 146 15.72 -1.38 -31.56
N PRO B 147 16.43 -2.11 -32.45
CA PRO B 147 17.10 -3.38 -32.18
C PRO B 147 18.32 -3.27 -31.29
N LEU B 148 18.52 -4.29 -30.45
CA LEU B 148 19.68 -4.43 -29.60
C LEU B 148 20.42 -5.70 -29.96
N THR B 149 21.75 -5.61 -29.94
CA THR B 149 22.63 -6.74 -30.14
C THR B 149 23.32 -7.02 -28.82
N THR B 150 23.06 -8.19 -28.23
CA THR B 150 23.77 -8.56 -27.02
C THR B 150 25.12 -9.15 -27.39
N ALA B 151 26.17 -8.66 -26.74
CA ALA B 151 27.53 -9.11 -27.02
C ALA B 151 28.33 -9.07 -25.73
N SER B 152 29.60 -9.49 -25.82
CA SER B 152 30.47 -9.46 -24.66
C SER B 152 31.56 -8.39 -24.78
#